data_6LX2
#
_entry.id   6LX2
#
_cell.length_a   70.841
_cell.length_b   120.413
_cell.length_c   174.552
_cell.angle_alpha   90.00
_cell.angle_beta   90.00
_cell.angle_gamma   90.00
#
_symmetry.space_group_name_H-M   'C 2 2 21'
#
loop_
_entity.id
_entity.type
_entity.pdbx_description
1 polymer '4-alpha-glucanotransferase, chloroplastic/amyloplastic'
2 branched 4-deoxy-alpha-D-glucopyranose-(1-4)-4-deoxy-alpha-D-glucopyranose-(1-4)-4-deoxy-alpha-D-glucopyranose-(1-4)-4-deoxy-alpha-D-glucopyranose-(1-4)-4-deoxy-alpha-D-glucopyranose-(1-4)-4-deoxy-alpha-D-glucopyranose-(1-4)-4-deoxy-alpha-D-glucopyranose-(1-4)-4-deoxy-alpha-D-glucopyranose-(1-4)-4-deoxy-alpha-D-glucopyranose-(1-4)-4-deoxy-alpha-D-glucopyranose-(1-4)-4-deoxy-alpha-D-glucopyranose
3 non-polymer 'CALCIUM ION'
4 water water
#
_entity_poly.entity_id   1
_entity_poly.type   'polypeptide(L)'
_entity_poly.pdbx_seq_one_letter_code
;AVPAVGEDFPIDYADWLPKRDPNDRRRAGILLHPTSFPGPYGIGDLGPQAFKFLDWLHLAGCSLWQVLPLVPPGKRGNED
GSPYSGQDANCGNTLLISLEELVDDGLLKMEELPEPLPTDRVNYSTISEIKDPLITKAAKRLLSSEGELKDQLENFRRDP
NISSWLEDAAYFAAIDNSVNTISWYDWPEPLKNRHLAALEEVYQSEKDFIDIFIAQQFLFQRQWKKVRDYARSKGISIMG
DMPIYVGYHSADVWANKKQFLLNRKGFPLIVSGVPPDAFSETGQLWGSPLYDWKAMEKDGFSWWVRRIQRATDLFDEFRI
DHFRGFAGFWAVPSEEKIAILGRWKVGPGKPLFDAILQAVGKINIIAEDLGVITEDVVQLRKSIEAPGMAVLQFAFGSDA
ENPHLPHNHEQNQVVYTGTHDNDTIRGWWDTLPQEEKSNVLKYLSNIEEEEISRGLIEGAVSSVARIAIIPMQDVLGLGS
DSRMNIPATQFGNWSWRIPSSTSFDNLDAEAKKLRDILATYGRL
;
_entity_poly.pdbx_strand_id   A
#
loop_
_chem_comp.id
_chem_comp.type
_chem_comp.name
_chem_comp.formula
CA non-polymer 'CALCIUM ION' 'Ca 2'
G4D D-saccharide, alpha linking 4-deoxy-alpha-D-glucopyranose 'C6 H12 O5'
#
# COMPACT_ATOMS: atom_id res chain seq x y z
N VAL A 2 6.70 -26.25 -36.59
CA VAL A 2 7.29 -25.73 -37.88
C VAL A 2 7.92 -26.91 -38.64
N PRO A 3 7.86 -26.92 -40.00
CA PRO A 3 8.45 -28.00 -40.79
C PRO A 3 9.97 -28.10 -40.72
N ALA A 4 10.55 -29.04 -41.47
CA ALA A 4 12.00 -29.29 -41.50
C ALA A 4 12.67 -28.12 -42.21
N VAL A 5 13.92 -27.86 -41.86
CA VAL A 5 14.74 -26.78 -42.50
C VAL A 5 14.69 -26.97 -44.02
N GLY A 6 14.34 -25.90 -44.76
CA GLY A 6 14.38 -25.88 -46.23
C GLY A 6 13.04 -26.26 -46.84
N GLU A 7 12.13 -26.82 -46.04
CA GLU A 7 10.78 -27.21 -46.54
C GLU A 7 9.88 -25.98 -46.56
N ASP A 8 8.73 -26.11 -47.18
CA ASP A 8 7.71 -25.04 -47.29
C ASP A 8 7.11 -24.74 -45.92
N PHE A 9 6.93 -23.46 -45.62
CA PHE A 9 6.02 -23.01 -44.54
C PHE A 9 4.62 -23.04 -45.12
N PRO A 10 3.56 -23.06 -44.28
CA PRO A 10 2.21 -22.81 -44.76
C PRO A 10 2.12 -21.50 -45.55
N ILE A 11 1.10 -21.38 -46.40
CA ILE A 11 0.81 -20.19 -47.26
C ILE A 11 0.63 -18.95 -46.36
N ASP A 12 0.09 -19.11 -45.15
CA ASP A 12 -0.34 -17.99 -44.25
C ASP A 12 0.82 -17.49 -43.38
N TYR A 13 2.07 -17.93 -43.63
CA TYR A 13 3.26 -17.71 -42.75
C TYR A 13 3.30 -16.27 -42.24
N ALA A 14 3.15 -15.32 -43.16
CA ALA A 14 3.39 -13.87 -42.93
C ALA A 14 2.27 -13.26 -42.09
N ASP A 15 1.21 -14.01 -41.76
CA ASP A 15 0.14 -13.57 -40.81
C ASP A 15 0.58 -13.76 -39.35
N TRP A 16 1.60 -14.56 -39.08
CA TRP A 16 2.11 -14.88 -37.72
C TRP A 16 2.97 -13.69 -37.22
N LEU A 17 2.32 -12.53 -36.97
CA LEU A 17 2.94 -11.24 -36.54
C LEU A 17 3.41 -11.34 -35.09
N PRO A 18 4.40 -10.52 -34.69
CA PRO A 18 4.96 -10.58 -33.34
C PRO A 18 3.88 -10.55 -32.24
N LYS A 19 4.03 -11.42 -31.24
CA LYS A 19 3.12 -11.53 -30.08
C LYS A 19 3.34 -10.35 -29.13
N ARG A 20 2.25 -9.70 -28.69
CA ARG A 20 2.23 -8.59 -27.69
C ARG A 20 1.50 -9.05 -26.43
N ASP A 21 2.25 -9.48 -25.40
CA ASP A 21 1.74 -9.96 -24.09
C ASP A 21 0.97 -8.80 -23.45
N PRO A 22 -0.35 -8.94 -23.12
CA PRO A 22 -1.08 -7.87 -22.45
C PRO A 22 -0.49 -7.49 -21.08
N ASN A 23 0.31 -8.37 -20.46
CA ASN A 23 1.06 -8.07 -19.21
C ASN A 23 2.16 -7.01 -19.46
N ASP A 24 2.47 -6.70 -20.72
CA ASP A 24 3.49 -5.68 -21.11
C ASP A 24 2.81 -4.37 -21.50
N ARG A 25 1.48 -4.28 -21.46
CA ARG A 25 0.75 -3.06 -21.94
C ARG A 25 1.33 -1.85 -21.18
N ARG A 26 1.58 -0.75 -21.87
CA ARG A 26 1.98 0.52 -21.24
C ARG A 26 0.78 1.21 -20.58
N ARG A 27 0.98 1.69 -19.35
CA ARG A 27 -0.15 2.21 -18.52
C ARG A 27 0.34 3.41 -17.73
N ALA A 28 -0.58 4.31 -17.39
CA ALA A 28 -0.31 5.42 -16.44
C ALA A 28 -1.32 5.37 -15.28
N GLY A 29 -0.83 5.81 -14.14
CA GLY A 29 -1.64 5.86 -12.91
C GLY A 29 -1.35 7.09 -12.09
N ILE A 30 -2.21 7.30 -11.12
CA ILE A 30 -2.14 8.40 -10.16
C ILE A 30 -2.01 7.76 -8.78
N LEU A 31 -1.07 8.27 -8.01
CA LEU A 31 -0.95 7.98 -6.57
C LEU A 31 -1.83 8.95 -5.82
N LEU A 32 -2.82 8.42 -5.11
CA LEU A 32 -3.79 9.20 -4.27
C LEU A 32 -4.37 8.26 -3.20
N HIS A 33 -3.94 8.45 -1.96
CA HIS A 33 -4.52 7.69 -0.83
C HIS A 33 -5.93 8.18 -0.61
N PRO A 34 -6.90 7.26 -0.37
CA PRO A 34 -8.30 7.66 -0.25
C PRO A 34 -8.56 8.63 0.91
N THR A 35 -7.71 8.73 1.94
CA THR A 35 -7.85 9.73 3.03
C THR A 35 -7.83 11.14 2.40
N SER A 36 -7.14 11.29 1.27
CA SER A 36 -6.89 12.56 0.60
C SER A 36 -8.10 13.02 -0.20
N PHE A 37 -9.09 12.15 -0.44
CA PHE A 37 -10.33 12.57 -1.13
C PHE A 37 -10.96 13.74 -0.36
N PRO A 38 -11.57 14.71 -1.07
CA PRO A 38 -12.29 15.80 -0.42
C PRO A 38 -13.64 15.30 0.14
N GLY A 39 -14.24 16.11 0.97
CA GLY A 39 -15.61 15.85 1.43
C GLY A 39 -15.78 16.44 2.80
N PRO A 40 -17.01 16.37 3.32
CA PRO A 40 -17.35 17.13 4.53
C PRO A 40 -17.10 16.43 5.87
N TYR A 41 -16.48 15.25 5.92
CA TYR A 41 -16.44 14.40 7.15
C TYR A 41 -15.02 14.21 7.68
N GLY A 42 -14.10 15.14 7.41
CA GLY A 42 -12.83 15.18 8.15
C GLY A 42 -11.79 14.29 7.53
N ILE A 43 -12.19 13.44 6.59
CA ILE A 43 -11.26 12.46 5.97
C ILE A 43 -11.93 11.92 4.73
N GLY A 44 -11.11 11.53 3.75
CA GLY A 44 -11.62 10.92 2.53
C GLY A 44 -12.18 9.55 2.86
N ASP A 45 -13.08 9.03 2.03
CA ASP A 45 -13.73 7.74 2.32
C ASP A 45 -14.04 7.02 0.99
N LEU A 46 -14.57 5.81 1.09
CA LEU A 46 -14.88 4.93 -0.04
C LEU A 46 -16.30 5.22 -0.57
N GLY A 47 -16.73 6.47 -0.50
CA GLY A 47 -18.09 6.89 -0.85
C GLY A 47 -18.12 7.63 -2.18
N PRO A 48 -19.08 8.59 -2.33
CA PRO A 48 -19.27 9.33 -3.58
C PRO A 48 -18.00 9.83 -4.26
N GLN A 49 -17.02 10.30 -3.49
CA GLN A 49 -15.80 10.95 -4.04
C GLN A 49 -14.89 9.90 -4.66
N ALA A 50 -14.92 8.66 -4.15
CA ALA A 50 -14.12 7.55 -4.71
C ALA A 50 -14.58 7.29 -6.15
N PHE A 51 -15.90 7.32 -6.39
CA PHE A 51 -16.48 7.10 -7.76
C PHE A 51 -16.15 8.29 -8.65
N LYS A 52 -16.20 9.52 -8.10
CA LYS A 52 -15.91 10.74 -8.87
C LYS A 52 -14.44 10.73 -9.28
N PHE A 53 -13.56 10.31 -8.39
CA PHE A 53 -12.12 10.21 -8.70
C PHE A 53 -11.94 9.22 -9.86
N LEU A 54 -12.53 8.03 -9.74
CA LEU A 54 -12.39 6.99 -10.78
C LEU A 54 -12.91 7.54 -12.13
N ASP A 55 -13.99 8.31 -12.14
CA ASP A 55 -14.47 8.93 -13.39
C ASP A 55 -13.42 9.89 -13.95
N TRP A 56 -12.81 10.72 -13.12
CA TRP A 56 -11.75 11.66 -13.53
C TRP A 56 -10.55 10.85 -14.07
N LEU A 57 -10.13 9.79 -13.38
CA LEU A 57 -9.00 8.92 -13.88
C LEU A 57 -9.33 8.44 -15.30
N HIS A 58 -10.56 7.97 -15.49
CA HIS A 58 -11.03 7.44 -16.78
C HIS A 58 -11.03 8.55 -17.82
N LEU A 59 -11.44 9.75 -17.45
CA LEU A 59 -11.44 10.91 -18.38
C LEU A 59 -9.99 11.30 -18.74
N ALA A 60 -9.05 11.10 -17.82
CA ALA A 60 -7.63 11.43 -18.04
C ALA A 60 -6.93 10.32 -18.82
N GLY A 61 -7.59 9.17 -19.02
CA GLY A 61 -7.05 8.00 -19.73
C GLY A 61 -6.12 7.16 -18.86
N CYS A 62 -6.06 7.40 -17.54
CA CYS A 62 -5.25 6.57 -16.61
C CYS A 62 -5.90 5.21 -16.40
N SER A 63 -5.09 4.16 -16.27
CA SER A 63 -5.61 2.79 -16.18
C SER A 63 -5.09 2.18 -14.87
N LEU A 64 -4.55 3.01 -14.00
CA LEU A 64 -4.06 2.51 -12.68
C LEU A 64 -4.24 3.58 -11.61
N TRP A 65 -4.53 3.13 -10.42
CA TRP A 65 -4.67 3.94 -9.19
C TRP A 65 -3.83 3.30 -8.11
N GLN A 66 -2.87 4.03 -7.58
CA GLN A 66 -2.06 3.50 -6.48
C GLN A 66 -2.49 4.14 -5.17
N VAL A 67 -2.53 3.31 -4.11
CA VAL A 67 -2.88 3.70 -2.73
C VAL A 67 -1.73 3.24 -1.86
N LEU A 68 -1.68 3.76 -0.64
CA LEU A 68 -0.77 3.32 0.44
C LEU A 68 -1.46 2.12 1.09
N PRO A 69 -0.83 1.45 2.08
CA PRO A 69 -1.56 0.37 2.78
C PRO A 69 -2.92 0.88 3.30
N LEU A 70 -3.95 0.04 3.21
CA LEU A 70 -5.33 0.37 3.64
C LEU A 70 -5.59 -0.15 5.06
N VAL A 71 -4.56 -0.62 5.75
CA VAL A 71 -4.66 -1.19 7.13
C VAL A 71 -5.03 -0.11 8.15
N PRO A 72 -5.49 -0.54 9.34
CA PRO A 72 -5.78 0.39 10.44
C PRO A 72 -4.47 1.01 10.86
N PRO A 73 -4.34 2.32 10.80
CA PRO A 73 -3.05 2.95 11.03
C PRO A 73 -2.61 3.10 12.50
N GLY A 74 -1.41 3.64 12.66
CA GLY A 74 -0.84 4.06 13.96
C GLY A 74 -1.79 4.89 14.79
N LYS A 75 -1.84 4.58 16.09
CA LYS A 75 -2.54 5.36 17.15
C LYS A 75 -1.55 5.93 18.18
N ARG A 76 -0.27 5.55 18.22
CA ARG A 76 0.73 6.25 19.07
C ARG A 76 0.94 7.70 18.60
N GLY A 77 1.25 8.61 19.53
CA GLY A 77 1.25 10.07 19.27
C GLY A 77 2.32 10.49 18.26
N ASN A 78 3.33 9.63 17.99
CA ASN A 78 4.51 9.89 17.11
C ASN A 78 4.37 9.21 15.73
N GLU A 79 3.21 8.66 15.41
CA GLU A 79 2.98 8.07 14.06
C GLU A 79 1.49 8.12 13.75
N ASP A 80 0.80 9.19 14.16
CA ASP A 80 -0.67 9.27 14.19
C ASP A 80 -1.13 9.32 12.71
N GLY A 81 -1.93 8.34 12.30
CA GLY A 81 -2.46 8.26 10.92
C GLY A 81 -1.56 7.47 9.97
N SER A 82 -0.37 7.00 10.40
CA SER A 82 0.57 6.38 9.43
C SER A 82 0.01 5.08 8.88
N PRO A 83 -0.11 4.95 7.55
CA PRO A 83 -0.46 3.65 6.97
C PRO A 83 0.62 2.58 7.18
N TYR A 84 1.82 2.97 7.63
CA TYR A 84 3.00 2.08 7.73
C TYR A 84 3.26 1.68 9.19
N SER A 85 2.31 1.95 10.06
CA SER A 85 2.31 1.53 11.48
C SER A 85 1.01 0.79 11.71
N GLY A 86 0.69 -0.12 10.79
CA GLY A 86 -0.59 -0.86 10.87
C GLY A 86 -0.74 -1.57 12.20
N GLN A 87 -1.96 -1.62 12.71
CA GLN A 87 -2.31 -2.42 13.89
C GLN A 87 -2.41 -3.89 13.43
N ASP A 88 -2.53 -4.15 12.13
CA ASP A 88 -2.87 -5.48 11.56
C ASP A 88 -2.51 -5.46 10.09
N ALA A 89 -2.04 -6.54 9.50
CA ALA A 89 -1.60 -6.56 8.09
C ALA A 89 -2.81 -6.74 7.18
N ASN A 90 -3.91 -7.32 7.69
CA ASN A 90 -5.01 -7.84 6.83
C ASN A 90 -6.28 -6.98 6.91
N CYS A 91 -6.60 -6.40 8.05
CA CYS A 91 -7.79 -5.56 8.24
C CYS A 91 -7.71 -4.29 7.37
N GLY A 92 -8.86 -3.70 7.14
CA GLY A 92 -9.07 -2.40 6.53
C GLY A 92 -9.28 -1.34 7.60
N ASN A 93 -8.75 -0.14 7.34
CA ASN A 93 -8.94 1.09 8.13
C ASN A 93 -10.43 1.44 8.14
N THR A 94 -11.10 1.33 9.27
CA THR A 94 -12.55 1.67 9.35
C THR A 94 -12.81 3.17 9.16
N LEU A 95 -11.80 4.03 9.27
CA LEU A 95 -11.99 5.48 9.04
C LEU A 95 -12.24 5.73 7.55
N LEU A 96 -11.94 4.80 6.64
CA LEU A 96 -12.18 4.96 5.19
C LEU A 96 -13.63 4.59 4.87
N ILE A 97 -14.40 4.08 5.84
CA ILE A 97 -15.83 3.73 5.63
C ILE A 97 -16.62 5.05 5.44
N SER A 98 -17.39 5.11 4.36
CA SER A 98 -18.26 6.26 3.94
C SER A 98 -19.52 6.31 4.78
N LEU A 99 -19.71 7.39 5.55
CA LEU A 99 -20.96 7.59 6.32
C LEU A 99 -22.15 7.69 5.37
N GLU A 100 -21.97 8.31 4.20
CA GLU A 100 -23.03 8.50 3.19
C GLU A 100 -23.47 7.13 2.64
N GLU A 101 -22.53 6.22 2.32
CA GLU A 101 -22.92 4.86 1.82
C GLU A 101 -23.69 4.10 2.91
N LEU A 102 -23.37 4.30 4.19
CA LEU A 102 -24.10 3.64 5.31
C LEU A 102 -25.52 4.24 5.41
N VAL A 103 -25.71 5.52 5.11
CA VAL A 103 -27.09 6.12 5.07
C VAL A 103 -27.88 5.47 3.95
N ASP A 104 -27.31 5.34 2.75
CA ASP A 104 -27.93 4.62 1.60
C ASP A 104 -28.33 3.21 2.05
N ASP A 105 -27.50 2.52 2.83
CA ASP A 105 -27.83 1.15 3.30
C ASP A 105 -28.91 1.14 4.38
N GLY A 106 -29.19 2.26 5.01
CA GLY A 106 -30.12 2.36 6.14
C GLY A 106 -29.45 1.94 7.43
N LEU A 107 -28.10 1.88 7.50
CA LEU A 107 -27.39 1.53 8.75
C LEU A 107 -27.13 2.79 9.57
N LEU A 108 -27.15 3.98 8.95
CA LEU A 108 -27.13 5.27 9.66
C LEU A 108 -28.32 6.09 9.15
N LYS A 109 -28.77 7.02 10.01
CA LYS A 109 -29.77 8.05 9.64
C LYS A 109 -29.04 9.32 9.24
N MET A 110 -29.55 9.99 8.21
CA MET A 110 -29.04 11.32 7.75
C MET A 110 -28.83 12.21 8.98
N GLU A 111 -29.77 12.18 9.93
CA GLU A 111 -29.75 13.02 11.16
C GLU A 111 -28.50 12.76 12.01
N GLU A 112 -27.94 11.56 11.99
CA GLU A 112 -26.79 11.20 12.87
C GLU A 112 -25.44 11.65 12.29
N LEU A 113 -25.36 11.99 10.99
CA LEU A 113 -24.12 12.46 10.32
C LEU A 113 -23.68 13.77 10.97
N PRO A 114 -22.38 14.06 11.19
CA PRO A 114 -21.99 15.30 11.83
C PRO A 114 -22.22 16.46 10.84
N GLU A 115 -22.30 17.69 11.34
CA GLU A 115 -22.27 18.91 10.49
C GLU A 115 -20.95 18.91 9.72
N PRO A 116 -20.88 19.45 8.48
CA PRO A 116 -19.59 19.72 7.83
C PRO A 116 -18.40 20.13 8.71
N LEU A 117 -17.27 19.42 8.57
CA LEU A 117 -16.03 19.58 9.38
C LEU A 117 -15.01 20.32 8.52
N PRO A 118 -14.02 21.04 9.12
CA PRO A 118 -12.95 21.71 8.38
C PRO A 118 -12.31 20.70 7.40
N THR A 119 -12.17 21.12 6.14
CA THR A 119 -12.03 20.28 4.92
C THR A 119 -10.56 20.14 4.43
N ASP A 120 -9.57 20.94 4.85
CA ASP A 120 -8.31 21.01 4.05
C ASP A 120 -7.27 19.96 4.49
N ARG A 121 -7.24 19.52 5.76
CA ARG A 121 -6.24 18.56 6.28
C ARG A 121 -6.92 17.55 7.19
N VAL A 122 -6.46 16.32 7.20
CA VAL A 122 -7.05 15.35 8.16
C VAL A 122 -6.52 15.71 9.55
N ASN A 123 -7.39 15.79 10.55
CA ASN A 123 -6.92 15.98 11.93
C ASN A 123 -7.01 14.60 12.62
N TYR A 124 -5.89 13.90 12.66
CA TYR A 124 -5.83 12.50 13.19
C TYR A 124 -6.08 12.48 14.68
N SER A 125 -5.91 13.60 15.37
CA SER A 125 -6.15 13.62 16.83
C SER A 125 -7.66 13.79 17.11
N THR A 126 -8.53 14.14 16.15
CA THR A 126 -9.98 14.28 16.41
C THR A 126 -10.83 13.35 15.56
N ILE A 127 -10.32 12.81 14.45
CA ILE A 127 -11.21 12.14 13.46
C ILE A 127 -11.83 10.83 14.05
N SER A 128 -11.10 10.06 14.84
CA SER A 128 -11.60 8.77 15.40
C SER A 128 -12.75 9.04 16.36
N GLU A 129 -12.64 10.08 17.20
CA GLU A 129 -13.68 10.42 18.21
C GLU A 129 -14.98 10.77 17.50
N ILE A 130 -14.93 11.35 16.30
CA ILE A 130 -16.14 11.73 15.53
C ILE A 130 -16.69 10.51 14.77
N LYS A 131 -15.86 9.81 13.98
CA LYS A 131 -16.36 8.71 13.07
C LYS A 131 -16.61 7.38 13.83
N ASP A 132 -15.73 7.02 14.77
CA ASP A 132 -15.77 5.68 15.41
C ASP A 132 -17.18 5.38 15.91
N PRO A 133 -17.84 6.30 16.65
CA PRO A 133 -19.14 5.98 17.24
C PRO A 133 -20.21 5.75 16.16
N LEU A 134 -20.10 6.45 15.05
CA LEU A 134 -21.04 6.30 13.90
C LEU A 134 -20.83 4.95 13.21
N ILE A 135 -19.59 4.55 12.95
CA ILE A 135 -19.32 3.22 12.31
C ILE A 135 -19.78 2.12 13.27
N THR A 136 -19.57 2.29 14.56
CA THR A 136 -20.00 1.31 15.62
C THR A 136 -21.52 1.19 15.59
N LYS A 137 -22.20 2.33 15.53
CA LYS A 137 -23.67 2.37 15.45
C LYS A 137 -24.17 1.60 14.23
N ALA A 138 -23.53 1.79 13.07
CA ALA A 138 -23.91 1.12 11.81
C ALA A 138 -23.70 -0.39 11.94
N ALA A 139 -22.60 -0.79 12.59
CA ALA A 139 -22.24 -2.22 12.78
C ALA A 139 -23.27 -2.90 13.69
N LYS A 140 -23.73 -2.21 14.74
CA LYS A 140 -24.74 -2.74 15.70
C LYS A 140 -26.07 -2.90 14.97
N ARG A 141 -26.46 -1.92 14.14
CA ARG A 141 -27.73 -2.01 13.36
C ARG A 141 -27.61 -3.19 12.37
N LEU A 142 -26.45 -3.38 11.76
CA LEU A 142 -26.29 -4.54 10.85
C LEU A 142 -26.43 -5.86 11.62
N LEU A 143 -25.75 -6.00 12.77
CA LEU A 143 -25.74 -7.24 13.60
C LEU A 143 -27.17 -7.59 14.06
N SER A 144 -28.01 -6.60 14.32
CA SER A 144 -29.41 -6.86 14.74
C SER A 144 -30.39 -6.97 13.55
N SER A 145 -29.96 -6.81 12.29
CA SER A 145 -30.85 -6.85 11.09
C SER A 145 -31.01 -8.31 10.65
N GLU A 146 -31.94 -8.62 9.74
CA GLU A 146 -32.13 -10.02 9.28
C GLU A 146 -32.35 -10.11 7.76
N GLY A 147 -31.88 -9.16 6.96
CA GLY A 147 -32.02 -9.19 5.49
C GLY A 147 -30.79 -9.67 4.72
N GLU A 148 -30.69 -9.20 3.46
CA GLU A 148 -29.58 -9.39 2.47
C GLU A 148 -28.19 -9.11 3.11
N LEU A 149 -28.04 -7.97 3.78
CA LEU A 149 -26.71 -7.54 4.34
C LEU A 149 -26.35 -8.46 5.49
N LYS A 150 -27.30 -8.88 6.30
CA LYS A 150 -27.00 -9.86 7.37
C LYS A 150 -26.45 -11.16 6.77
N ASP A 151 -27.08 -11.66 5.70
CA ASP A 151 -26.66 -12.93 5.05
C ASP A 151 -25.23 -12.76 4.53
N GLN A 152 -24.93 -11.62 3.90
CA GLN A 152 -23.60 -11.34 3.33
C GLN A 152 -22.55 -11.30 4.48
N LEU A 153 -22.87 -10.66 5.61
CA LEU A 153 -22.02 -10.63 6.84
C LEU A 153 -21.70 -12.07 7.29
N GLU A 154 -22.73 -12.92 7.34
CA GLU A 154 -22.55 -14.33 7.78
C GLU A 154 -21.65 -15.06 6.77
N ASN A 155 -21.83 -14.86 5.47
CA ASN A 155 -20.99 -15.51 4.43
C ASN A 155 -19.54 -15.01 4.54
N PHE A 156 -19.34 -13.71 4.76
CA PHE A 156 -18.01 -13.09 4.95
C PHE A 156 -17.31 -13.73 6.16
N ARG A 157 -17.98 -13.74 7.31
CA ARG A 157 -17.47 -14.20 8.63
CA ARG A 157 -17.34 -14.17 8.59
C ARG A 157 -16.98 -15.65 8.52
N ARG A 158 -17.71 -16.45 7.74
CA ARG A 158 -17.47 -17.92 7.66
C ARG A 158 -16.57 -18.27 6.48
N ASP A 159 -16.22 -17.31 5.62
CA ASP A 159 -15.35 -17.59 4.45
C ASP A 159 -14.01 -18.03 4.99
N PRO A 160 -13.48 -19.17 4.52
CA PRO A 160 -12.21 -19.72 5.02
C PRO A 160 -10.99 -18.79 4.85
N ASN A 161 -10.88 -18.07 3.75
CA ASN A 161 -9.77 -17.10 3.56
C ASN A 161 -9.91 -15.94 4.55
N ILE A 162 -11.13 -15.37 4.64
CA ILE A 162 -11.41 -14.24 5.60
C ILE A 162 -11.16 -14.71 7.04
N SER A 163 -11.77 -15.82 7.50
CA SER A 163 -11.69 -16.22 8.93
C SER A 163 -10.24 -16.53 9.32
N SER A 164 -9.38 -16.89 8.37
CA SER A 164 -7.98 -17.28 8.64
C SER A 164 -7.21 -16.11 9.25
N TRP A 165 -7.61 -14.86 8.99
CA TRP A 165 -6.96 -13.66 9.61
C TRP A 165 -7.96 -12.90 10.50
N LEU A 166 -9.24 -12.89 10.15
CA LEU A 166 -10.21 -12.00 10.84
C LEU A 166 -10.48 -12.45 12.26
N GLU A 167 -10.64 -13.75 12.50
CA GLU A 167 -10.94 -14.25 13.89
C GLU A 167 -9.82 -13.80 14.83
N ASP A 168 -8.57 -14.09 14.45
CA ASP A 168 -7.38 -13.73 15.26
C ASP A 168 -7.33 -12.18 15.45
N ALA A 169 -7.59 -11.41 14.39
CA ALA A 169 -7.54 -9.92 14.50
C ALA A 169 -8.60 -9.45 15.52
N ALA A 170 -9.79 -10.01 15.51
CA ALA A 170 -10.93 -9.60 16.36
C ALA A 170 -10.62 -9.94 17.81
N TYR A 171 -10.18 -11.17 18.07
CA TYR A 171 -9.84 -11.59 19.44
C TYR A 171 -8.65 -10.78 19.93
N PHE A 172 -7.63 -10.62 19.10
CA PHE A 172 -6.51 -9.74 19.48
C PHE A 172 -7.03 -8.35 19.89
N ALA A 173 -7.84 -7.69 19.06
CA ALA A 173 -8.31 -6.31 19.38
C ALA A 173 -9.10 -6.29 20.71
N ALA A 174 -9.90 -7.32 20.96
CA ALA A 174 -10.75 -7.48 22.16
C ALA A 174 -9.88 -7.62 23.37
N ILE A 175 -8.85 -8.44 23.28
CA ILE A 175 -7.98 -8.64 24.46
C ILE A 175 -7.18 -7.36 24.71
N ASP A 176 -6.68 -6.75 23.63
CA ASP A 176 -5.90 -5.51 23.71
C ASP A 176 -6.77 -4.46 24.39
N ASN A 177 -8.04 -4.37 24.01
CA ASN A 177 -8.96 -3.35 24.54
C ASN A 177 -9.17 -3.58 26.05
N SER A 178 -9.31 -4.83 26.46
CA SER A 178 -9.65 -5.23 27.84
C SER A 178 -8.39 -5.17 28.70
N VAL A 179 -7.28 -5.74 28.25
CA VAL A 179 -6.06 -5.85 29.08
C VAL A 179 -5.32 -4.49 29.08
N ASN A 180 -5.15 -3.81 27.92
CA ASN A 180 -4.55 -2.46 27.81
C ASN A 180 -3.13 -2.38 28.43
N THR A 181 -2.23 -3.30 28.06
CA THR A 181 -0.75 -3.18 28.22
C THR A 181 -0.20 -2.64 26.92
N ILE A 182 1.01 -2.12 26.97
CA ILE A 182 1.72 -1.63 25.78
C ILE A 182 1.78 -2.76 24.74
N SER A 183 2.15 -3.98 25.16
CA SER A 183 2.24 -5.12 24.20
C SER A 183 1.67 -6.42 24.79
N TRP A 184 1.33 -7.37 23.90
CA TRP A 184 0.83 -8.71 24.26
C TRP A 184 1.91 -9.48 25.04
N TYR A 185 3.18 -9.08 24.93
CA TYR A 185 4.26 -9.70 25.75
C TYR A 185 3.88 -9.66 27.23
N ASP A 186 3.16 -8.63 27.66
CA ASP A 186 2.75 -8.53 29.08
C ASP A 186 1.32 -9.00 29.32
N TRP A 187 0.67 -9.71 28.41
CA TRP A 187 -0.70 -10.20 28.71
C TRP A 187 -0.62 -11.32 29.76
N PRO A 188 -1.67 -11.50 30.59
CA PRO A 188 -1.82 -12.70 31.41
C PRO A 188 -1.56 -13.96 30.55
N GLU A 189 -0.89 -14.95 31.14
CA GLU A 189 -0.30 -16.12 30.44
C GLU A 189 -1.38 -16.84 29.64
N PRO A 190 -2.60 -17.03 30.15
CA PRO A 190 -3.63 -17.75 29.36
C PRO A 190 -4.04 -17.06 28.05
N LEU A 191 -3.90 -15.75 28.02
CA LEU A 191 -4.23 -14.92 26.82
C LEU A 191 -2.97 -14.77 25.97
N LYS A 192 -1.81 -14.53 26.57
CA LYS A 192 -0.54 -14.42 25.83
C LYS A 192 -0.28 -15.70 25.03
N ASN A 193 -0.55 -16.86 25.65
CA ASN A 193 -0.21 -18.19 25.04
C ASN A 193 -1.46 -18.91 24.54
N ARG A 194 -2.57 -18.19 24.41
CA ARG A 194 -3.78 -18.66 23.69
C ARG A 194 -4.21 -20.05 24.20
N HIS A 195 -4.43 -20.15 25.50
CA HIS A 195 -5.14 -21.30 26.12
C HIS A 195 -6.50 -21.37 25.44
N LEU A 196 -6.85 -22.55 24.89
CA LEU A 196 -8.16 -22.75 24.23
C LEU A 196 -9.27 -22.25 25.16
N ALA A 197 -9.25 -22.60 26.43
CA ALA A 197 -10.30 -22.27 27.41
C ALA A 197 -10.35 -20.73 27.62
N ALA A 198 -9.21 -20.06 27.66
CA ALA A 198 -9.15 -18.60 27.87
C ALA A 198 -9.79 -17.88 26.68
N LEU A 199 -9.54 -18.37 25.46
CA LEU A 199 -10.05 -17.78 24.21
C LEU A 199 -11.58 -17.98 24.15
N GLU A 200 -12.10 -19.14 24.57
CA GLU A 200 -13.56 -19.33 24.64
C GLU A 200 -14.16 -18.35 25.64
N GLU A 201 -13.55 -18.14 26.79
CA GLU A 201 -14.07 -17.15 27.74
C GLU A 201 -14.00 -15.70 27.21
N VAL A 202 -12.99 -15.37 26.39
CA VAL A 202 -12.92 -14.01 25.77
C VAL A 202 -14.16 -13.80 24.92
N TYR A 203 -14.55 -14.79 24.12
CA TYR A 203 -15.73 -14.63 23.26
C TYR A 203 -16.99 -14.44 24.11
N GLN A 204 -17.11 -15.13 25.25
CA GLN A 204 -18.24 -14.94 26.20
C GLN A 204 -18.21 -13.52 26.74
N SER A 205 -17.08 -13.03 27.24
CA SER A 205 -17.06 -11.75 27.96
C SER A 205 -16.93 -10.57 26.98
N GLU A 206 -16.44 -10.78 25.75
CA GLU A 206 -16.11 -9.69 24.77
C GLU A 206 -16.87 -9.92 23.46
N LYS A 207 -18.00 -10.62 23.56
CA LYS A 207 -18.81 -11.02 22.39
C LYS A 207 -19.17 -9.77 21.57
N ASP A 208 -19.68 -8.72 22.19
CA ASP A 208 -20.22 -7.57 21.42
C ASP A 208 -19.03 -6.86 20.74
N PHE A 209 -17.90 -6.74 21.43
CA PHE A 209 -16.68 -6.12 20.85
C PHE A 209 -16.29 -6.90 19.59
N ILE A 210 -16.21 -8.22 19.71
CA ILE A 210 -15.76 -9.12 18.62
C ILE A 210 -16.79 -9.11 17.48
N ASP A 211 -18.09 -9.24 17.77
CA ASP A 211 -19.09 -9.23 16.65
C ASP A 211 -19.02 -7.88 15.91
N ILE A 212 -18.88 -6.79 16.66
CA ILE A 212 -18.84 -5.42 16.09
C ILE A 212 -17.57 -5.29 15.27
N PHE A 213 -16.45 -5.86 15.73
CA PHE A 213 -15.15 -5.70 15.04
C PHE A 213 -15.29 -6.36 13.68
N ILE A 214 -15.95 -7.53 13.66
CA ILE A 214 -16.13 -8.34 12.44
C ILE A 214 -17.10 -7.62 11.49
N ALA A 215 -18.21 -7.09 12.00
CA ALA A 215 -19.18 -6.36 11.17
C ALA A 215 -18.51 -5.13 10.54
N GLN A 216 -17.68 -4.40 11.29
CA GLN A 216 -16.92 -3.23 10.74
C GLN A 216 -16.02 -3.70 9.61
N GLN A 217 -15.30 -4.81 9.76
CA GLN A 217 -14.44 -5.34 8.67
C GLN A 217 -15.30 -5.74 7.47
N PHE A 218 -16.50 -6.25 7.70
CA PHE A 218 -17.43 -6.55 6.61
C PHE A 218 -17.82 -5.25 5.89
N LEU A 219 -18.18 -4.21 6.62
CA LEU A 219 -18.61 -2.92 6.00
C LEU A 219 -17.45 -2.34 5.19
N PHE A 220 -16.23 -2.41 5.69
CA PHE A 220 -15.03 -2.04 4.90
C PHE A 220 -14.96 -2.86 3.61
N GLN A 221 -14.95 -4.18 3.73
CA GLN A 221 -14.84 -5.14 2.59
C GLN A 221 -15.87 -4.79 1.52
N ARG A 222 -17.11 -4.56 1.92
CA ARG A 222 -18.22 -4.33 0.98
C ARG A 222 -17.99 -2.98 0.28
N GLN A 223 -17.62 -1.93 1.01
CA GLN A 223 -17.31 -0.65 0.37
C GLN A 223 -16.12 -0.75 -0.58
N TRP A 224 -15.06 -1.39 -0.13
CA TRP A 224 -13.86 -1.51 -0.99
C TRP A 224 -14.19 -2.33 -2.25
N LYS A 225 -14.95 -3.41 -2.12
CA LYS A 225 -15.26 -4.23 -3.31
C LYS A 225 -16.11 -3.39 -4.30
N LYS A 226 -16.97 -2.49 -3.83
CA LYS A 226 -17.79 -1.65 -4.74
C LYS A 226 -16.82 -0.70 -5.47
N VAL A 227 -15.83 -0.16 -4.76
CA VAL A 227 -14.84 0.75 -5.39
C VAL A 227 -14.04 -0.03 -6.46
N ARG A 228 -13.61 -1.22 -6.14
CA ARG A 228 -12.75 -2.02 -7.01
C ARG A 228 -13.54 -2.47 -8.25
N ASP A 229 -14.82 -2.86 -8.07
CA ASP A 229 -15.74 -3.23 -9.19
C ASP A 229 -15.92 -2.03 -10.10
N TYR A 230 -16.20 -0.84 -9.55
CA TYR A 230 -16.34 0.39 -10.35
C TYR A 230 -15.03 0.69 -11.11
N ALA A 231 -13.90 0.64 -10.42
CA ALA A 231 -12.57 0.81 -11.08
C ALA A 231 -12.45 -0.14 -12.29
N ARG A 232 -12.65 -1.42 -12.06
CA ARG A 232 -12.56 -2.42 -13.15
C ARG A 232 -13.51 -2.01 -14.30
N SER A 233 -14.72 -1.53 -14.01
CA SER A 233 -15.73 -1.12 -15.04
C SER A 233 -15.17 0.01 -15.89
N LYS A 234 -14.24 0.80 -15.37
CA LYS A 234 -13.64 1.94 -16.10
C LYS A 234 -12.24 1.63 -16.64
N GLY A 235 -11.83 0.36 -16.66
CA GLY A 235 -10.50 -0.10 -17.09
C GLY A 235 -9.39 0.31 -16.15
N ILE A 236 -9.66 0.49 -14.84
CA ILE A 236 -8.65 0.92 -13.85
C ILE A 236 -8.32 -0.27 -12.95
N SER A 237 -7.03 -0.58 -12.87
CA SER A 237 -6.41 -1.52 -11.90
C SER A 237 -6.03 -0.74 -10.65
N ILE A 238 -6.14 -1.37 -9.51
CA ILE A 238 -5.74 -0.74 -8.24
C ILE A 238 -4.47 -1.43 -7.74
N MET A 239 -3.46 -0.62 -7.52
CA MET A 239 -2.15 -1.11 -7.04
C MET A 239 -2.09 -0.72 -5.55
N GLY A 240 -1.92 -1.71 -4.68
CA GLY A 240 -1.73 -1.51 -3.25
C GLY A 240 -0.26 -1.50 -2.87
N ASP A 241 -0.04 -1.59 -1.58
CA ASP A 241 1.31 -1.45 -0.99
C ASP A 241 1.38 -2.33 0.27
N MET A 242 2.34 -3.26 0.29
CA MET A 242 2.56 -4.21 1.40
C MET A 242 3.98 -3.98 1.95
N PRO A 243 4.16 -3.47 3.20
CA PRO A 243 5.47 -3.51 3.83
C PRO A 243 5.94 -4.97 4.00
N ILE A 244 7.22 -5.30 3.75
CA ILE A 244 7.67 -6.73 3.89
C ILE A 244 7.40 -7.17 5.33
N TYR A 245 7.68 -6.32 6.34
CA TYR A 245 7.57 -6.69 7.78
C TYR A 245 6.23 -6.29 8.37
N VAL A 246 5.84 -6.96 9.45
CA VAL A 246 4.65 -6.57 10.23
C VAL A 246 5.06 -6.13 11.65
N GLY A 247 4.18 -5.45 12.36
CA GLY A 247 4.44 -4.96 13.72
C GLY A 247 4.33 -6.08 14.75
N TYR A 248 5.08 -6.00 15.84
CA TYR A 248 5.10 -7.05 16.92
C TYR A 248 3.74 -7.14 17.60
N HIS A 249 3.18 -5.98 17.97
CA HIS A 249 1.90 -5.88 18.70
C HIS A 249 0.75 -6.00 17.70
N SER A 250 0.51 -7.21 17.22
CA SER A 250 -0.54 -7.48 16.21
C SER A 250 -0.99 -8.95 16.33
N ALA A 251 -2.15 -9.28 15.78
CA ALA A 251 -2.63 -10.67 15.66
C ALA A 251 -1.67 -11.44 14.75
N ASP A 252 -1.03 -10.74 13.81
CA ASP A 252 -0.10 -11.33 12.82
C ASP A 252 0.99 -12.10 13.57
N VAL A 253 1.52 -11.52 14.64
CA VAL A 253 2.60 -12.18 15.41
C VAL A 253 1.98 -13.04 16.54
N TRP A 254 1.06 -12.47 17.33
CA TRP A 254 0.52 -13.13 18.53
C TRP A 254 -0.15 -14.47 18.16
N ALA A 255 -0.81 -14.58 17.04
CA ALA A 255 -1.57 -15.79 16.67
C ALA A 255 -0.71 -16.66 15.75
N ASN A 256 0.55 -16.32 15.52
CA ASN A 256 1.42 -17.03 14.54
C ASN A 256 2.86 -17.00 15.04
N LYS A 257 3.05 -17.25 16.33
CA LYS A 257 4.34 -16.94 16.99
C LYS A 257 5.50 -17.70 16.30
N LYS A 258 5.25 -18.93 15.89
CA LYS A 258 6.32 -19.78 15.32
C LYS A 258 6.75 -19.28 13.95
N GLN A 259 6.02 -18.37 13.31
CA GLN A 259 6.42 -17.77 12.02
C GLN A 259 7.54 -16.75 12.22
N PHE A 260 7.80 -16.34 13.45
CA PHE A 260 8.75 -15.28 13.80
C PHE A 260 9.89 -15.83 14.67
N LEU A 261 11.01 -15.10 14.65
CA LEU A 261 12.19 -15.39 15.50
C LEU A 261 12.00 -14.77 16.89
N LEU A 262 11.27 -15.47 17.75
CA LEU A 262 10.96 -14.99 19.11
C LEU A 262 11.69 -15.93 20.07
N ASN A 263 12.01 -15.47 21.26
CA ASN A 263 12.55 -16.35 22.33
C ASN A 263 11.38 -17.11 22.93
N ARG A 264 11.64 -17.88 23.98
CA ARG A 264 10.66 -18.82 24.57
C ARG A 264 9.57 -18.01 25.27
N LYS A 265 9.80 -16.76 25.66
CA LYS A 265 8.72 -15.95 26.28
C LYS A 265 8.00 -15.09 25.21
N GLY A 266 8.31 -15.21 23.92
CA GLY A 266 7.65 -14.47 22.84
C GLY A 266 8.26 -13.11 22.57
N PHE A 267 9.45 -12.83 23.09
CA PHE A 267 10.17 -11.56 22.79
C PHE A 267 11.05 -11.72 21.57
N PRO A 268 11.12 -10.72 20.67
CA PRO A 268 11.93 -10.88 19.46
C PRO A 268 13.42 -11.09 19.80
N LEU A 269 14.05 -12.08 19.18
CA LEU A 269 15.52 -12.32 19.30
C LEU A 269 16.30 -11.23 18.53
N ILE A 270 15.87 -10.91 17.31
CA ILE A 270 16.54 -9.95 16.41
C ILE A 270 15.43 -9.18 15.70
N VAL A 271 15.71 -7.95 15.31
CA VAL A 271 14.71 -7.03 14.74
C VAL A 271 15.29 -6.39 13.49
N SER A 272 14.39 -5.77 12.73
CA SER A 272 14.68 -5.28 11.37
C SER A 272 15.41 -3.92 11.42
N GLY A 273 16.04 -3.62 10.30
CA GLY A 273 16.71 -2.34 10.09
C GLY A 273 17.54 -2.42 8.84
N VAL A 274 18.47 -1.49 8.73
CA VAL A 274 19.38 -1.41 7.56
C VAL A 274 20.72 -0.86 8.09
N PRO A 275 21.87 -1.36 7.61
CA PRO A 275 23.17 -0.94 8.14
C PRO A 275 23.61 0.37 7.49
N PRO A 276 24.68 1.05 7.98
CA PRO A 276 25.25 2.19 7.24
C PRO A 276 25.65 1.81 5.80
N ASP A 277 25.67 2.80 4.90
CA ASP A 277 26.13 2.62 3.49
C ASP A 277 26.73 3.94 2.98
N ALA A 278 27.06 4.02 1.69
CA ALA A 278 27.59 5.24 1.03
C ALA A 278 26.69 6.45 1.30
N PHE A 279 25.39 6.28 1.59
CA PHE A 279 24.43 7.41 1.74
C PHE A 279 23.97 7.61 3.20
N SER A 280 24.34 6.76 4.15
CA SER A 280 23.94 6.89 5.57
C SER A 280 25.09 6.43 6.46
N GLU A 281 25.44 7.25 7.45
CA GLU A 281 26.52 7.01 8.46
C GLU A 281 26.03 6.02 9.52
N THR A 282 24.72 6.04 9.79
CA THR A 282 24.06 5.37 10.95
C THR A 282 23.28 4.10 10.54
N GLY A 283 22.82 4.01 9.28
CA GLY A 283 21.74 3.09 8.90
C GLY A 283 20.49 3.37 9.74
N GLN A 284 19.50 2.46 9.78
CA GLN A 284 18.19 2.70 10.45
C GLN A 284 17.83 1.45 11.27
N LEU A 285 17.40 1.63 12.51
CA LEU A 285 16.82 0.61 13.39
C LEU A 285 15.30 0.71 13.24
N TRP A 286 14.64 -0.22 12.55
CA TRP A 286 13.17 -0.21 12.39
C TRP A 286 12.54 -0.92 13.58
N GLY A 287 13.05 -2.08 13.96
CA GLY A 287 12.64 -2.75 15.21
C GLY A 287 11.43 -3.66 15.03
N SER A 288 11.00 -4.01 13.82
CA SER A 288 10.02 -5.11 13.60
C SER A 288 10.60 -6.48 13.90
N PRO A 289 9.75 -7.45 14.24
CA PRO A 289 10.23 -8.81 14.38
C PRO A 289 10.54 -9.34 12.97
N LEU A 290 11.40 -10.35 12.93
CA LEU A 290 11.90 -10.96 11.67
C LEU A 290 11.30 -12.36 11.53
N TYR A 291 11.11 -12.76 10.28
CA TYR A 291 10.49 -14.04 9.94
C TYR A 291 11.49 -15.18 10.19
N ASP A 292 10.98 -16.28 10.73
CA ASP A 292 11.70 -17.58 10.76
C ASP A 292 11.56 -18.26 9.40
N TRP A 293 12.36 -17.82 8.44
CA TRP A 293 12.23 -18.26 7.03
C TRP A 293 12.47 -19.77 6.89
N LYS A 294 13.37 -20.32 7.71
CA LYS A 294 13.65 -21.78 7.73
C LYS A 294 12.39 -22.56 8.13
N ALA A 295 11.70 -22.18 9.20
CA ALA A 295 10.47 -22.86 9.65
C ALA A 295 9.35 -22.61 8.63
N MET A 296 9.28 -21.44 7.99
CA MET A 296 8.26 -21.14 6.95
C MET A 296 8.41 -22.11 5.77
N GLU A 297 9.64 -22.33 5.30
CA GLU A 297 9.89 -23.22 4.14
C GLU A 297 9.31 -24.61 4.42
N LYS A 298 9.36 -25.06 5.67
CA LYS A 298 8.89 -26.40 6.11
C LYS A 298 7.39 -26.53 5.91
N ASP A 299 6.57 -25.46 6.00
CA ASP A 299 5.10 -25.64 5.76
C ASP A 299 4.68 -25.02 4.42
N GLY A 300 5.58 -24.86 3.44
CA GLY A 300 5.27 -24.25 2.13
C GLY A 300 4.87 -22.77 2.25
N PHE A 301 5.43 -22.08 3.23
CA PHE A 301 5.29 -20.60 3.41
C PHE A 301 3.81 -20.27 3.53
N SER A 302 3.08 -21.05 4.31
CA SER A 302 1.61 -20.94 4.45
C SER A 302 1.20 -19.52 4.95
N TRP A 303 1.95 -18.93 5.86
CA TRP A 303 1.66 -17.58 6.44
C TRP A 303 1.77 -16.51 5.34
N TRP A 304 2.83 -16.54 4.56
CA TRP A 304 3.02 -15.61 3.43
C TRP A 304 1.98 -15.85 2.36
N VAL A 305 1.63 -17.11 2.09
CA VAL A 305 0.59 -17.43 1.07
C VAL A 305 -0.72 -16.75 1.47
N ARG A 306 -1.09 -16.86 2.72
CA ARG A 306 -2.35 -16.22 3.19
C ARG A 306 -2.22 -14.69 3.06
N ARG A 307 -1.06 -14.13 3.37
CA ARG A 307 -0.92 -12.67 3.33
C ARG A 307 -1.12 -12.22 1.88
N ILE A 308 -0.56 -12.95 0.94
CA ILE A 308 -0.70 -12.63 -0.50
C ILE A 308 -2.15 -12.84 -0.97
N GLN A 309 -2.82 -13.87 -0.51
CA GLN A 309 -4.24 -14.15 -0.84
C GLN A 309 -5.11 -12.93 -0.44
N ARG A 310 -4.91 -12.42 0.77
CA ARG A 310 -5.67 -11.21 1.22
C ARG A 310 -5.33 -10.03 0.33
N ALA A 311 -4.05 -9.82 0.03
CA ALA A 311 -3.65 -8.69 -0.83
C ALA A 311 -4.34 -8.80 -2.21
N THR A 312 -4.43 -9.98 -2.83
CA THR A 312 -5.06 -10.14 -4.17
C THR A 312 -6.58 -9.99 -4.02
N ASP A 313 -7.15 -10.23 -2.84
CA ASP A 313 -8.58 -9.96 -2.54
C ASP A 313 -8.81 -8.43 -2.64
N LEU A 314 -7.83 -7.59 -2.26
CA LEU A 314 -8.01 -6.12 -2.23
C LEU A 314 -7.51 -5.49 -3.53
N PHE A 315 -6.44 -6.02 -4.10
CA PHE A 315 -5.68 -5.28 -5.15
C PHE A 315 -5.41 -6.17 -6.37
N ASP A 316 -5.41 -5.55 -7.53
CA ASP A 316 -5.02 -6.18 -8.82
C ASP A 316 -3.52 -6.44 -8.78
N GLU A 317 -2.75 -5.55 -8.14
CA GLU A 317 -1.27 -5.62 -8.11
C GLU A 317 -0.79 -4.85 -6.90
N PHE A 318 0.44 -5.06 -6.47
CA PHE A 318 0.90 -4.31 -5.27
C PHE A 318 2.41 -4.29 -5.22
N ARG A 319 2.91 -3.22 -4.66
CA ARG A 319 4.34 -3.02 -4.34
C ARG A 319 4.67 -3.76 -3.05
N ILE A 320 5.83 -4.40 -2.96
CA ILE A 320 6.38 -4.86 -1.65
C ILE A 320 7.53 -3.95 -1.24
N ASP A 321 7.33 -3.23 -0.13
CA ASP A 321 8.36 -2.29 0.37
C ASP A 321 9.49 -3.14 0.96
N HIS A 322 10.71 -2.72 0.71
CA HIS A 322 11.94 -3.43 1.16
C HIS A 322 11.97 -4.86 0.61
N PHE A 323 11.66 -5.00 -0.68
CA PHE A 323 11.74 -6.26 -1.43
C PHE A 323 13.11 -6.96 -1.24
N ARG A 324 14.17 -6.21 -1.05
CA ARG A 324 15.55 -6.71 -0.94
C ARG A 324 15.63 -7.67 0.26
N GLY A 325 14.76 -7.53 1.27
CA GLY A 325 14.71 -8.44 2.42
C GLY A 325 14.48 -9.89 2.01
N PHE A 326 13.87 -10.13 0.86
CA PHE A 326 13.64 -11.53 0.43
C PHE A 326 14.96 -12.22 0.00
N ALA A 327 15.97 -11.47 -0.41
CA ALA A 327 17.30 -12.01 -0.82
C ALA A 327 18.23 -12.03 0.40
N GLY A 328 18.29 -10.89 1.09
CA GLY A 328 19.11 -10.70 2.29
C GLY A 328 18.51 -9.63 3.18
N PHE A 329 18.58 -9.81 4.49
CA PHE A 329 17.97 -8.85 5.43
C PHE A 329 18.88 -8.59 6.60
N TRP A 330 18.88 -7.35 7.04
CA TRP A 330 19.69 -6.85 8.18
C TRP A 330 18.94 -7.12 9.47
N ALA A 331 19.64 -7.74 10.42
CA ALA A 331 19.10 -8.26 11.69
C ALA A 331 19.93 -7.69 12.83
N VAL A 332 19.29 -6.90 13.69
CA VAL A 332 19.90 -6.31 14.90
C VAL A 332 19.44 -7.07 16.15
N PRO A 333 20.35 -7.49 17.05
CA PRO A 333 19.93 -8.09 18.32
C PRO A 333 18.96 -7.13 19.02
N SER A 334 17.83 -7.64 19.54
CA SER A 334 16.72 -6.79 20.06
C SER A 334 17.21 -5.88 21.21
N GLU A 335 18.23 -6.28 21.97
CA GLU A 335 18.75 -5.47 23.12
C GLU A 335 19.45 -4.19 22.63
N GLU A 336 19.89 -4.12 21.37
CA GLU A 336 20.68 -2.97 20.80
C GLU A 336 19.76 -1.80 20.45
N LYS A 337 20.31 -0.57 20.55
CA LYS A 337 19.60 0.74 20.43
C LYS A 337 19.93 1.41 19.08
N ILE A 338 20.92 0.92 18.31
CA ILE A 338 21.33 1.48 16.98
C ILE A 338 21.48 0.34 16.00
N ALA A 339 21.67 0.65 14.72
CA ALA A 339 21.64 -0.34 13.61
C ALA A 339 23.02 -0.98 13.41
N ILE A 340 24.13 -0.31 13.77
CA ILE A 340 25.51 -0.72 13.28
C ILE A 340 25.81 -2.17 13.68
N LEU A 341 25.29 -2.70 14.79
CA LEU A 341 25.78 -3.96 15.45
C LEU A 341 25.03 -5.20 14.96
N GLY A 342 24.56 -5.21 13.73
CA GLY A 342 23.75 -6.30 13.17
C GLY A 342 24.51 -7.12 12.18
N ARG A 343 23.81 -7.93 11.40
CA ARG A 343 24.42 -8.87 10.44
C ARG A 343 23.40 -9.06 9.32
N TRP A 344 23.89 -9.28 8.11
CA TRP A 344 23.09 -9.76 6.97
C TRP A 344 22.78 -11.25 7.15
N LYS A 345 21.51 -11.62 6.99
CA LYS A 345 21.05 -13.02 6.92
C LYS A 345 20.56 -13.31 5.52
N VAL A 346 20.59 -14.59 5.15
CA VAL A 346 20.12 -15.08 3.83
C VAL A 346 18.59 -15.11 3.88
N GLY A 347 17.94 -14.35 2.98
CA GLY A 347 16.47 -14.39 2.78
C GLY A 347 16.04 -15.68 2.11
N PRO A 348 14.72 -15.93 2.03
CA PRO A 348 14.21 -17.18 1.46
C PRO A 348 14.46 -17.37 -0.05
N GLY A 349 14.60 -16.25 -0.76
CA GLY A 349 14.69 -16.18 -2.23
C GLY A 349 13.54 -16.84 -2.95
N LYS A 350 13.82 -17.40 -4.13
CA LYS A 350 12.81 -17.68 -5.18
C LYS A 350 11.80 -18.71 -4.68
N PRO A 351 12.19 -19.70 -3.84
CA PRO A 351 11.21 -20.69 -3.37
C PRO A 351 9.95 -20.11 -2.71
N LEU A 352 10.08 -18.94 -2.07
CA LEU A 352 8.89 -18.26 -1.48
C LEU A 352 7.96 -17.96 -2.65
N PHE A 353 8.48 -17.40 -3.72
CA PHE A 353 7.70 -16.99 -4.93
C PHE A 353 7.16 -18.23 -5.65
N ASP A 354 7.94 -19.31 -5.71
CA ASP A 354 7.43 -20.58 -6.32
C ASP A 354 6.26 -21.10 -5.50
N ALA A 355 6.32 -21.05 -4.17
CA ALA A 355 5.22 -21.56 -3.35
C ALA A 355 3.96 -20.68 -3.55
N ILE A 356 4.15 -19.36 -3.67
CA ILE A 356 3.03 -18.41 -3.88
C ILE A 356 2.40 -18.74 -5.25
N LEU A 357 3.21 -18.91 -6.29
CA LEU A 357 2.69 -19.19 -7.64
C LEU A 357 1.86 -20.47 -7.57
N GLN A 358 2.32 -21.48 -6.82
CA GLN A 358 1.66 -22.82 -6.78
C GLN A 358 0.32 -22.72 -6.07
N ALA A 359 0.21 -21.89 -5.03
CA ALA A 359 -0.99 -21.84 -4.17
C ALA A 359 -1.99 -20.81 -4.69
N VAL A 360 -1.55 -19.70 -5.30
CA VAL A 360 -2.41 -18.52 -5.60
C VAL A 360 -2.41 -18.24 -7.10
N GLY A 361 -1.48 -18.77 -7.89
CA GLY A 361 -1.34 -18.39 -9.30
C GLY A 361 -0.55 -17.12 -9.45
N LYS A 362 -0.53 -16.56 -10.66
CA LYS A 362 0.34 -15.45 -11.07
C LYS A 362 -0.11 -14.23 -10.27
N ILE A 363 0.78 -13.50 -9.63
CA ILE A 363 0.41 -12.21 -8.96
C ILE A 363 1.29 -11.11 -9.56
N ASN A 364 0.83 -9.88 -9.62
CA ASN A 364 1.63 -8.76 -10.20
C ASN A 364 2.26 -7.99 -9.03
N ILE A 365 3.49 -8.33 -8.67
CA ILE A 365 4.24 -7.70 -7.54
C ILE A 365 5.18 -6.66 -8.13
N ILE A 366 5.27 -5.51 -7.50
CA ILE A 366 6.26 -4.45 -7.84
C ILE A 366 7.31 -4.51 -6.72
N ALA A 367 8.58 -4.61 -7.09
CA ALA A 367 9.69 -4.67 -6.12
C ALA A 367 10.16 -3.24 -5.80
N GLU A 368 9.94 -2.77 -4.57
CA GLU A 368 10.62 -1.52 -4.15
C GLU A 368 12.08 -1.93 -3.89
N ASP A 369 12.96 -1.44 -4.74
CA ASP A 369 14.36 -1.89 -4.87
C ASP A 369 15.27 -0.67 -4.87
N LEU A 370 14.92 0.37 -4.14
CA LEU A 370 15.69 1.63 -4.08
C LEU A 370 16.91 1.49 -3.16
N GLY A 371 17.82 2.47 -3.23
CA GLY A 371 19.05 2.56 -2.44
C GLY A 371 20.11 1.59 -2.90
N VAL A 372 21.10 1.38 -2.04
CA VAL A 372 22.24 0.48 -2.32
C VAL A 372 21.73 -0.93 -2.12
N ILE A 373 21.64 -1.71 -3.19
CA ILE A 373 21.21 -3.12 -3.14
C ILE A 373 22.34 -3.94 -3.75
N THR A 374 22.27 -5.24 -3.56
CA THR A 374 23.36 -6.16 -3.94
C THR A 374 22.89 -6.91 -5.16
N GLU A 375 23.82 -7.55 -5.86
CA GLU A 375 23.54 -8.27 -7.12
C GLU A 375 22.50 -9.38 -6.86
N ASP A 376 22.47 -10.00 -5.67
CA ASP A 376 21.53 -11.13 -5.40
C ASP A 376 20.08 -10.58 -5.39
N VAL A 377 19.90 -9.33 -5.01
CA VAL A 377 18.57 -8.65 -5.01
C VAL A 377 18.09 -8.52 -6.45
N VAL A 378 18.96 -7.99 -7.32
CA VAL A 378 18.68 -7.84 -8.77
C VAL A 378 18.38 -9.22 -9.36
N GLN A 379 19.24 -10.20 -9.12
CA GLN A 379 19.04 -11.59 -9.60
C GLN A 379 17.68 -12.15 -9.13
N LEU A 380 17.28 -11.93 -7.89
CA LEU A 380 16.01 -12.50 -7.39
C LEU A 380 14.85 -11.84 -8.15
N ARG A 381 14.89 -10.53 -8.27
CA ARG A 381 13.82 -9.71 -8.90
C ARG A 381 13.60 -10.19 -10.35
N LYS A 382 14.69 -10.36 -11.11
CA LYS A 382 14.62 -10.78 -12.53
C LYS A 382 14.17 -12.22 -12.61
N SER A 383 14.58 -13.05 -11.65
CA SER A 383 14.24 -14.49 -11.66
C SER A 383 12.72 -14.65 -11.51
N ILE A 384 12.03 -13.71 -10.84
CA ILE A 384 10.55 -13.78 -10.74
C ILE A 384 9.92 -12.79 -11.73
N GLU A 385 10.71 -12.10 -12.56
CA GLU A 385 10.23 -11.10 -13.56
C GLU A 385 9.42 -9.96 -12.90
N ALA A 386 9.77 -9.54 -11.69
CA ALA A 386 9.09 -8.39 -11.05
C ALA A 386 9.74 -7.12 -11.58
N PRO A 387 8.93 -6.06 -11.84
CA PRO A 387 9.47 -4.75 -12.16
C PRO A 387 10.07 -4.14 -10.89
N GLY A 388 11.19 -3.43 -11.05
CA GLY A 388 11.69 -2.50 -10.04
C GLY A 388 11.14 -1.09 -10.23
N MET A 389 11.75 -0.10 -9.56
CA MET A 389 11.22 1.27 -9.54
C MET A 389 12.31 2.20 -10.05
N ALA A 390 11.89 3.22 -10.76
CA ALA A 390 12.69 4.43 -11.04
C ALA A 390 11.92 5.59 -10.42
N VAL A 391 12.63 6.56 -9.86
CA VAL A 391 12.09 7.78 -9.23
C VAL A 391 12.85 8.99 -9.76
N LEU A 392 12.20 9.85 -10.53
CA LEU A 392 12.89 10.91 -11.29
C LEU A 392 13.52 11.92 -10.33
N GLN A 393 12.93 12.12 -9.14
CA GLN A 393 13.51 13.10 -8.18
C GLN A 393 14.87 12.61 -7.72
N PHE A 394 15.25 11.34 -7.94
CA PHE A 394 16.55 10.83 -7.45
C PHE A 394 17.60 10.78 -8.59
N ALA A 395 17.26 11.26 -9.78
CA ALA A 395 17.99 10.95 -11.04
C ALA A 395 19.14 11.93 -11.35
N PHE A 396 19.15 13.14 -10.79
CA PHE A 396 19.90 14.30 -11.36
C PHE A 396 21.06 14.76 -10.49
N GLY A 397 21.42 14.00 -9.46
CA GLY A 397 22.38 14.43 -8.43
C GLY A 397 23.68 13.66 -8.45
N SER A 398 23.96 12.79 -9.43
CA SER A 398 25.24 12.04 -9.52
C SER A 398 25.79 12.22 -10.95
N ASP A 399 25.84 11.16 -11.74
CA ASP A 399 26.37 11.17 -13.12
C ASP A 399 25.36 10.48 -14.05
N ALA A 400 25.75 10.14 -15.28
CA ALA A 400 24.81 9.69 -16.32
C ALA A 400 24.47 8.22 -16.12
N GLU A 401 25.20 7.52 -15.23
CA GLU A 401 24.94 6.09 -14.90
C GLU A 401 23.90 5.98 -13.77
N ASN A 402 23.35 7.09 -13.30
CA ASN A 402 22.29 7.06 -12.25
C ASN A 402 21.09 6.27 -12.82
N PRO A 403 20.67 5.17 -12.18
CA PRO A 403 19.66 4.29 -12.77
C PRO A 403 18.28 4.94 -12.92
N HIS A 404 18.05 6.11 -12.31
CA HIS A 404 16.72 6.78 -12.29
C HIS A 404 16.59 7.66 -13.54
N LEU A 405 17.70 7.95 -14.24
CA LEU A 405 17.61 8.73 -15.49
C LEU A 405 16.88 7.92 -16.55
N PRO A 406 15.98 8.53 -17.34
CA PRO A 406 15.21 7.83 -18.38
C PRO A 406 16.00 6.97 -19.37
N HIS A 407 17.21 7.37 -19.75
CA HIS A 407 18.01 6.53 -20.72
C HIS A 407 18.49 5.23 -20.05
N ASN A 408 18.40 5.12 -18.72
CA ASN A 408 18.74 3.88 -17.98
C ASN A 408 17.50 3.09 -17.61
N HIS A 409 16.29 3.51 -17.99
CA HIS A 409 15.05 2.79 -17.56
C HIS A 409 14.98 1.50 -18.37
N GLU A 410 14.22 0.53 -17.90
CA GLU A 410 13.94 -0.67 -18.70
C GLU A 410 12.43 -0.78 -18.84
N GLN A 411 11.99 -1.65 -19.72
CA GLN A 411 10.57 -1.86 -20.00
C GLN A 411 9.89 -2.44 -18.75
N ASN A 412 10.40 -3.50 -18.14
CA ASN A 412 9.75 -4.12 -16.96
C ASN A 412 10.13 -3.32 -15.71
N GLN A 413 9.53 -2.14 -15.56
CA GLN A 413 9.88 -1.19 -14.46
C GLN A 413 8.69 -0.28 -14.24
N VAL A 414 8.64 0.33 -13.07
CA VAL A 414 7.62 1.36 -12.74
C VAL A 414 8.35 2.68 -12.53
N VAL A 415 7.99 3.72 -13.25
CA VAL A 415 8.63 5.04 -13.06
C VAL A 415 7.66 5.98 -12.33
N TYR A 416 8.16 6.62 -11.29
CA TYR A 416 7.45 7.71 -10.56
C TYR A 416 8.18 9.03 -10.83
N THR A 417 7.45 10.14 -10.85
CA THR A 417 8.06 11.46 -10.63
C THR A 417 8.65 11.48 -9.22
N GLY A 418 7.89 10.97 -8.25
CA GLY A 418 8.22 10.92 -6.83
C GLY A 418 7.15 10.12 -6.12
N THR A 419 7.45 9.57 -4.96
CA THR A 419 6.48 8.78 -4.20
C THR A 419 5.86 9.64 -3.09
N HIS A 420 5.09 9.02 -2.18
CA HIS A 420 4.49 9.68 -1.00
C HIS A 420 5.61 10.16 -0.05
N ASP A 421 6.82 9.60 -0.15
CA ASP A 421 7.98 9.93 0.70
C ASP A 421 8.74 11.17 0.14
N ASN A 422 8.60 11.49 -1.16
CA ASN A 422 9.22 12.67 -1.81
C ASN A 422 8.31 13.88 -1.66
N ASP A 423 8.90 15.08 -1.72
CA ASP A 423 8.17 16.34 -1.89
C ASP A 423 7.46 16.26 -3.24
N THR A 424 6.53 17.19 -3.48
CA THR A 424 5.92 17.38 -4.82
C THR A 424 7.03 17.88 -5.76
N ILE A 425 6.80 17.82 -7.07
CA ILE A 425 7.81 18.31 -8.05
C ILE A 425 8.15 19.78 -7.75
N ARG A 426 7.15 20.64 -7.59
CA ARG A 426 7.39 22.08 -7.29
C ARG A 426 8.14 22.26 -5.98
N GLY A 427 7.80 21.52 -4.93
CA GLY A 427 8.53 21.61 -3.64
C GLY A 427 9.97 21.14 -3.74
N TRP A 428 10.20 20.00 -4.37
CA TRP A 428 11.56 19.47 -4.64
C TRP A 428 12.41 20.49 -5.38
N TRP A 429 11.84 21.06 -6.45
CA TRP A 429 12.50 22.08 -7.29
C TRP A 429 12.92 23.28 -6.43
N ASP A 430 12.03 23.75 -5.55
CA ASP A 430 12.25 24.95 -4.71
C ASP A 430 13.47 24.80 -3.81
N THR A 431 13.74 23.62 -3.25
CA THR A 431 14.89 23.40 -2.35
C THR A 431 16.07 22.77 -3.11
N LEU A 432 16.02 22.66 -4.43
CA LEU A 432 17.07 21.90 -5.16
C LEU A 432 18.28 22.80 -5.38
N PRO A 433 19.53 22.38 -5.07
CA PRO A 433 20.71 23.19 -5.37
C PRO A 433 20.75 23.70 -6.82
N GLN A 434 21.40 24.83 -7.06
CA GLN A 434 21.53 25.43 -8.41
C GLN A 434 22.22 24.44 -9.37
N GLU A 435 23.27 23.75 -8.94
CA GLU A 435 24.04 22.84 -9.83
C GLU A 435 23.13 21.68 -10.30
N GLU A 436 22.24 21.17 -9.43
CA GLU A 436 21.34 20.03 -9.75
C GLU A 436 20.25 20.52 -10.70
N LYS A 437 19.73 21.73 -10.48
CA LYS A 437 18.70 22.39 -11.33
C LYS A 437 19.16 22.52 -12.77
N SER A 438 20.32 23.12 -12.98
CA SER A 438 20.86 23.32 -14.36
C SER A 438 21.05 21.94 -15.01
N ASN A 439 21.51 20.95 -14.25
CA ASN A 439 21.64 19.53 -14.66
C ASN A 439 20.27 18.98 -15.09
N VAL A 440 19.22 19.26 -14.29
CA VAL A 440 17.84 18.79 -14.65
C VAL A 440 17.46 19.43 -15.98
N LEU A 441 17.66 20.74 -16.10
CA LEU A 441 17.20 21.52 -17.28
C LEU A 441 17.98 21.08 -18.53
N LYS A 442 19.29 20.85 -18.42
CA LYS A 442 20.11 20.34 -19.56
C LYS A 442 19.53 18.98 -20.01
N TYR A 443 19.23 18.10 -19.05
CA TYR A 443 18.83 16.71 -19.37
C TYR A 443 17.50 16.73 -20.13
N LEU A 444 16.52 17.50 -19.69
CA LEU A 444 15.17 17.54 -20.30
C LEU A 444 15.23 18.41 -21.55
N SER A 445 16.43 18.72 -22.04
CA SER A 445 16.73 19.41 -23.32
C SER A 445 16.38 20.88 -23.14
N ASN A 446 17.04 21.49 -22.15
CA ASN A 446 17.02 22.95 -21.82
C ASN A 446 15.56 23.46 -21.88
N ILE A 447 14.61 22.73 -21.26
CA ILE A 447 13.18 23.16 -21.06
C ILE A 447 13.21 24.34 -20.07
N GLU A 448 12.18 25.19 -20.04
CA GLU A 448 12.14 26.41 -19.17
C GLU A 448 11.79 26.00 -17.73
N GLU A 449 12.43 26.62 -16.74
CA GLU A 449 12.29 26.29 -15.30
C GLU A 449 10.82 26.39 -14.85
N GLU A 450 10.02 27.30 -15.44
CA GLU A 450 8.58 27.53 -15.13
C GLU A 450 7.78 26.28 -15.49
N GLU A 451 8.32 25.43 -16.36
CA GLU A 451 7.67 24.20 -16.87
C GLU A 451 8.30 22.95 -16.22
N ILE A 452 8.99 23.08 -15.10
CA ILE A 452 9.60 21.87 -14.49
C ILE A 452 8.54 20.76 -14.29
N SER A 453 7.29 21.06 -13.90
CA SER A 453 6.30 20.00 -13.57
C SER A 453 5.96 19.22 -14.84
N ARG A 454 5.60 19.93 -15.92
CA ARG A 454 5.31 19.30 -17.23
C ARG A 454 6.55 18.50 -17.64
N GLY A 455 7.75 19.06 -17.46
CA GLY A 455 9.03 18.39 -17.77
C GLY A 455 9.17 17.03 -17.10
N LEU A 456 9.03 16.97 -15.78
CA LEU A 456 9.17 15.70 -15.05
C LEU A 456 7.99 14.75 -15.35
N ILE A 457 6.76 15.24 -15.42
CA ILE A 457 5.58 14.39 -15.73
C ILE A 457 5.81 13.79 -17.13
N GLU A 458 6.23 14.59 -18.09
CA GLU A 458 6.45 14.10 -19.48
C GLU A 458 7.64 13.14 -19.50
N GLY A 459 8.63 13.39 -18.65
CA GLY A 459 9.79 12.49 -18.58
C GLY A 459 9.39 11.14 -18.02
N ALA A 460 8.43 11.11 -17.11
CA ALA A 460 7.92 9.78 -16.63
C ALA A 460 7.03 9.14 -17.71
N VAL A 461 6.12 9.89 -18.29
CA VAL A 461 5.18 9.31 -19.26
C VAL A 461 5.93 8.85 -20.53
N SER A 462 6.95 9.56 -21.01
CA SER A 462 7.69 9.19 -22.26
C SER A 462 8.73 8.09 -22.01
N SER A 463 8.85 7.57 -20.78
CA SER A 463 9.83 6.51 -20.41
C SER A 463 9.45 5.20 -21.10
N VAL A 464 10.42 4.29 -21.29
CA VAL A 464 10.13 2.92 -21.76
C VAL A 464 9.48 2.12 -20.63
N ALA A 465 9.51 2.60 -19.38
CA ALA A 465 8.92 1.84 -18.25
C ALA A 465 7.45 1.60 -18.55
N ARG A 466 7.00 0.36 -18.40
CA ARG A 466 5.62 0.00 -18.80
C ARG A 466 4.57 0.63 -17.88
N ILE A 467 4.91 0.99 -16.62
CA ILE A 467 4.00 1.78 -15.74
C ILE A 467 4.66 3.10 -15.31
N ALA A 468 3.95 4.20 -15.50
CA ALA A 468 4.29 5.52 -15.00
C ALA A 468 3.22 5.96 -14.01
N ILE A 469 3.67 6.46 -12.87
CA ILE A 469 2.78 6.90 -11.75
C ILE A 469 3.10 8.34 -11.40
N ILE A 470 2.08 9.21 -11.40
CA ILE A 470 2.16 10.62 -10.95
C ILE A 470 1.34 10.79 -9.66
N PRO A 471 1.91 11.43 -8.62
CA PRO A 471 1.10 11.88 -7.49
C PRO A 471 0.08 12.94 -7.88
N MET A 472 -1.12 12.83 -7.30
CA MET A 472 -2.22 13.77 -7.62
C MET A 472 -1.78 15.21 -7.37
N GLN A 473 -0.95 15.41 -6.34
CA GLN A 473 -0.45 16.75 -5.96
C GLN A 473 0.26 17.41 -7.16
N ASP A 474 0.97 16.62 -8.00
CA ASP A 474 1.74 17.13 -9.15
C ASP A 474 0.79 17.48 -10.28
N VAL A 475 -0.29 16.72 -10.49
CA VAL A 475 -1.36 17.10 -11.46
C VAL A 475 -1.98 18.44 -11.02
N LEU A 476 -2.13 18.70 -9.73
CA LEU A 476 -2.84 19.92 -9.24
C LEU A 476 -1.85 21.08 -9.10
N GLY A 477 -0.58 20.85 -9.36
CA GLY A 477 0.42 21.91 -9.38
C GLY A 477 0.78 22.39 -7.99
N LEU A 478 0.75 21.52 -6.97
CA LEU A 478 0.91 21.94 -5.55
C LEU A 478 2.37 21.88 -5.09
N GLY A 479 2.67 22.70 -4.08
CA GLY A 479 4.02 22.84 -3.50
C GLY A 479 4.18 22.01 -2.25
N SER A 480 5.17 22.37 -1.46
CA SER A 480 5.62 21.59 -0.26
C SER A 480 4.52 21.48 0.79
N ASP A 481 3.58 22.40 0.82
CA ASP A 481 2.48 22.37 1.82
C ASP A 481 1.60 21.14 1.57
N SER A 482 1.69 20.47 0.43
CA SER A 482 0.80 19.34 0.04
C SER A 482 1.52 18.00 0.10
N ARG A 483 2.77 18.00 0.58
CA ARG A 483 3.60 16.79 0.71
C ARG A 483 2.86 15.80 1.62
N MET A 484 2.79 14.53 1.24
CA MET A 484 2.06 13.53 2.06
C MET A 484 2.91 13.13 3.28
N ASN A 485 4.22 12.97 3.14
CA ASN A 485 5.06 12.48 4.25
C ASN A 485 6.45 13.12 4.14
N ILE A 486 7.03 13.56 5.26
CA ILE A 486 8.49 13.79 5.37
C ILE A 486 9.04 12.67 6.22
N PRO A 487 9.84 11.77 5.63
CA PRO A 487 10.34 10.63 6.39
C PRO A 487 11.03 11.10 7.69
N ALA A 488 10.78 10.36 8.78
CA ALA A 488 11.46 10.49 10.07
C ALA A 488 10.99 11.74 10.83
N THR A 489 9.88 12.36 10.43
CA THR A 489 9.15 13.38 11.23
C THR A 489 7.92 12.73 11.86
N GLN A 490 7.38 13.30 12.93
CA GLN A 490 6.34 12.62 13.74
C GLN A 490 5.07 13.49 13.83
N PHE A 491 4.91 14.51 12.98
CA PHE A 491 3.72 15.40 13.02
C PHE A 491 3.41 15.86 11.60
N GLY A 492 2.11 16.03 11.26
CA GLY A 492 1.64 16.70 10.04
C GLY A 492 1.76 15.83 8.79
N ASN A 493 1.96 14.52 8.97
CA ASN A 493 2.14 13.56 7.85
C ASN A 493 0.81 12.85 7.62
N TRP A 494 0.56 12.48 6.37
CA TRP A 494 -0.57 11.61 5.96
C TRP A 494 -1.86 12.40 6.06
N SER A 495 -1.80 13.73 6.13
CA SER A 495 -3.00 14.54 6.40
C SER A 495 -3.42 15.38 5.21
N TRP A 496 -2.64 15.41 4.11
CA TRP A 496 -2.99 16.23 2.91
C TRP A 496 -4.31 15.72 2.34
N ARG A 497 -5.19 16.64 1.99
CA ARG A 497 -6.42 16.35 1.25
C ARG A 497 -6.50 17.30 0.07
N ILE A 498 -7.12 16.83 -0.98
CA ILE A 498 -7.58 17.73 -2.06
C ILE A 498 -8.46 18.77 -1.38
N PRO A 499 -8.15 20.07 -1.54
CA PRO A 499 -8.88 21.12 -0.83
C PRO A 499 -10.31 21.28 -1.34
N SER A 500 -11.20 21.80 -0.47
CA SER A 500 -12.67 21.97 -0.68
C SER A 500 -12.94 22.75 -1.97
N SER A 501 -12.09 23.71 -2.34
CA SER A 501 -12.29 24.54 -3.54
C SER A 501 -12.02 23.74 -4.83
N THR A 502 -11.32 22.60 -4.75
CA THR A 502 -11.08 21.73 -5.93
C THR A 502 -12.07 20.57 -5.96
N SER A 503 -12.70 20.29 -7.09
CA SER A 503 -13.62 19.15 -7.18
C SER A 503 -13.24 18.41 -8.44
N PHE A 504 -13.50 17.11 -8.51
CA PHE A 504 -13.12 16.35 -9.72
C PHE A 504 -13.87 16.94 -10.94
N ASP A 505 -15.10 17.47 -10.84
CA ASP A 505 -15.83 17.99 -12.03
C ASP A 505 -15.21 19.31 -12.51
N ASN A 506 -14.35 19.95 -11.72
CA ASN A 506 -13.62 21.19 -12.10
C ASN A 506 -12.23 20.86 -12.66
N LEU A 507 -11.88 19.60 -12.88
CA LEU A 507 -10.49 19.24 -13.31
C LEU A 507 -10.47 18.69 -14.75
N ASP A 508 -11.36 19.17 -15.64
CA ASP A 508 -11.43 18.67 -17.03
C ASP A 508 -10.15 19.01 -17.79
N ALA A 509 -9.60 20.21 -17.58
CA ALA A 509 -8.41 20.71 -18.30
C ALA A 509 -7.20 19.85 -17.92
N GLU A 510 -7.11 19.51 -16.63
CA GLU A 510 -5.98 18.71 -16.07
C GLU A 510 -6.08 17.31 -16.66
N ALA A 511 -7.29 16.77 -16.77
CA ALA A 511 -7.52 15.43 -17.37
C ALA A 511 -7.07 15.44 -18.82
N LYS A 512 -7.48 16.46 -19.55
CA LYS A 512 -7.20 16.56 -21.00
C LYS A 512 -5.67 16.68 -21.21
N LYS A 513 -4.99 17.47 -20.38
CA LYS A 513 -3.55 17.69 -20.52
C LYS A 513 -2.79 16.38 -20.30
N LEU A 514 -3.21 15.54 -19.34
CA LEU A 514 -2.56 14.22 -19.09
C LEU A 514 -2.89 13.26 -20.22
N ARG A 515 -4.17 13.23 -20.64
CA ARG A 515 -4.66 12.28 -21.67
C ARG A 515 -3.89 12.49 -22.98
N ASP A 516 -3.64 13.75 -23.35
CA ASP A 516 -2.90 14.07 -24.60
C ASP A 516 -1.47 13.50 -24.56
N ILE A 517 -0.76 13.64 -23.43
CA ILE A 517 0.62 13.04 -23.35
C ILE A 517 0.53 11.51 -23.24
N LEU A 518 -0.48 10.96 -22.54
CA LEU A 518 -0.68 9.50 -22.57
C LEU A 518 -0.88 9.04 -24.02
N ALA A 519 -1.61 9.78 -24.85
CA ALA A 519 -1.86 9.39 -26.25
C ALA A 519 -0.52 9.40 -27.02
N THR A 520 0.24 10.47 -26.90
CA THR A 520 1.54 10.67 -27.61
C THR A 520 2.52 9.55 -27.26
N TYR A 521 2.58 9.14 -26.00
CA TYR A 521 3.62 8.22 -25.49
C TYR A 521 3.03 6.85 -25.32
N GLY A 522 1.92 6.56 -26.02
CA GLY A 522 1.40 5.18 -26.10
C GLY A 522 0.93 4.58 -24.76
N ARG A 523 0.29 5.33 -23.85
CA ARG A 523 -0.19 4.75 -22.57
C ARG A 523 -1.73 4.66 -22.55
N LEU A 524 -2.39 4.97 -23.65
CA LEU A 524 -3.86 4.73 -23.85
C LEU A 524 -4.08 3.42 -24.60
C1 G4D B . 31.00 8.38 -1.31
C2 G4D B . 31.68 7.02 -1.11
C3 G4D B . 31.65 6.03 -2.31
C4 G4D B . 30.62 6.27 -3.44
C5 G4D B . 29.94 7.65 -3.39
C6 G4D B . 28.54 7.57 -4.04
O1 G4D B . 31.92 9.30 -1.93
O2 G4D B . 33.04 7.29 -0.74
O3 G4D B . 31.40 4.71 -1.78
O5 G4D B . 29.80 8.20 -2.06
O6 G4D B . 27.81 8.76 -3.78
C1 G4D B . 30.07 4.08 -5.05
C2 G4D B . 29.92 4.20 -6.58
C3 G4D B . 28.58 4.83 -6.98
C4 G4D B . 27.36 4.23 -6.22
C5 G4D B . 27.65 3.92 -4.72
C6 G4D B . 26.49 3.11 -4.10
O1 G4D B . 30.27 5.41 -4.46
O2 G4D B . 31.00 4.98 -7.16
O3 G4D B . 28.42 4.69 -8.40
O5 G4D B . 28.94 3.31 -4.54
O6 G4D B . 26.74 1.70 -4.07
C1 G4D B . 25.43 4.63 -7.67
C2 G4D B . 24.91 5.85 -8.45
C3 G4D B . 23.85 6.60 -7.64
C4 G4D B . 22.78 5.65 -7.07
C5 G4D B . 23.32 4.36 -6.42
C6 G4D B . 22.17 3.35 -6.19
O1 G4D B . 26.25 5.00 -6.51
O2 G4D B . 25.99 6.76 -8.73
O3 G4D B . 23.33 7.64 -8.47
O5 G4D B . 24.34 3.76 -7.24
O6 G4D B . 21.67 2.96 -7.46
C1 G4D B . 20.77 7.07 -6.62
C2 G4D B . 20.77 8.46 -5.95
C3 G4D B . 20.65 8.26 -4.43
C4 G4D B . 19.42 7.39 -4.06
C5 G4D B . 19.32 6.09 -4.89
C6 G4D B . 17.90 5.54 -4.73
O1 G4D B . 21.93 6.30 -6.25
O2 G4D B . 21.92 9.28 -6.26
O3 G4D B . 20.50 9.55 -3.84
O5 G4D B . 19.59 6.29 -6.29
O6 G4D B . 17.76 4.28 -5.40
C1 G4D B . 18.58 8.03 -1.77
C2 G4D B . 19.26 8.12 -0.39
C3 G4D B . 19.32 6.70 0.27
C4 G4D B . 17.93 6.13 0.41
C5 G4D B . 17.13 6.19 -0.91
C6 G4D B . 15.60 6.20 -0.58
O1 G4D B . 19.35 7.26 -2.72
O2 G4D B . 20.61 8.61 -0.58
O3 G4D B . 20.03 6.69 1.54
O5 G4D B . 17.32 7.37 -1.73
O6 G4D B . 15.31 4.87 -0.95
C1 G4D B . 17.96 4.77 2.47
C2 G4D B . 18.08 3.33 2.95
C3 G4D B . 16.86 2.50 2.57
C4 G4D B . 15.51 3.18 2.93
C5 G4D B . 15.51 4.70 2.68
C6 G4D B . 14.53 5.44 3.62
O1 G4D B . 17.99 4.88 1.00
O2 G4D B . 19.18 2.78 2.26
O3 G4D B . 16.98 1.22 3.18
O5 G4D B . 16.75 5.36 2.97
O6 G4D B . 13.87 6.32 2.71
C1 G4D B . 13.87 1.48 3.37
C2 G4D B . 12.77 0.54 2.78
C3 G4D B . 11.45 1.32 2.62
C4 G4D B . 11.07 2.13 3.94
C5 G4D B . 12.25 2.89 4.60
C6 G4D B . 11.98 3.34 6.05
O1 G4D B . 14.31 2.59 2.51
O2 G4D B . 13.34 -0.03 1.57
O3 G4D B . 10.37 0.49 2.11
O5 G4D B . 13.44 2.06 4.66
O6 G4D B . 13.03 4.28 6.39
C1 G4D B . 8.55 2.52 3.82
C2 G4D B . 7.58 3.68 3.46
C3 G4D B . 7.79 4.87 4.40
C4 G4D B . 7.67 4.30 5.82
C5 G4D B . 8.71 3.21 6.05
C6 G4D B . 8.83 2.65 7.48
O1 G4D B . 9.95 2.96 3.75
O2 G4D B . 7.72 4.13 2.10
O3 G4D B . 6.81 5.89 4.14
O5 G4D B . 8.46 2.09 5.19
O6 G4D B . 7.58 2.04 7.66
C1 G4D B . 7.01 6.16 7.22
C2 G4D B . 7.69 7.46 7.68
C3 G4D B . 8.47 7.25 8.98
C4 G4D B . 7.66 6.47 10.04
C5 G4D B . 6.68 5.38 9.53
C6 G4D B . 5.36 5.70 10.20
O1 G4D B . 7.97 5.26 6.71
O2 G4D B . 8.58 7.91 6.64
O3 G4D B . 8.77 8.51 9.59
O5 G4D B . 6.25 5.41 8.19
O6 G4D B . 4.99 4.63 10.95
C1 G4D B . 7.38 6.72 12.72
C2 G4D B . 8.33 7.68 13.45
C3 G4D B . 9.64 6.98 13.84
C4 G4D B . 9.50 5.57 14.49
C5 G4D B . 8.27 4.76 14.07
C6 G4D B . 7.72 4.12 15.36
O1 G4D B . 7.93 6.52 11.37
O2 G4D B . 8.65 8.81 12.60
O3 G4D B . 10.34 7.80 14.79
O5 G4D B . 7.18 5.45 13.39
O6 G4D B . 6.94 3.01 14.94
C1 G4D B . 12.17 5.04 14.13
C2 G4D B . 12.44 3.59 14.54
C3 G4D B . 12.64 3.41 16.06
C4 G4D B . 13.32 4.59 16.75
C5 G4D B . 14.00 5.60 15.80
C6 G4D B . 15.38 5.08 15.34
O1 G4D B . 10.82 5.25 14.58
O2 G4D B . 11.32 2.81 14.12
O3 G4D B . 13.40 2.20 16.31
O5 G4D B . 13.14 5.98 14.69
O6 G4D B . 16.00 4.24 16.33
CA CA C . -4.01 0.70 24.87
#